data_6MGA
#
_entry.id   6MGA
#
_cell.length_a   147.227
_cell.length_b   147.227
_cell.length_c   149.366
_cell.angle_alpha   90.00
_cell.angle_beta   90.00
_cell.angle_gamma   120.00
#
_symmetry.space_group_name_H-M   'P 61 2 2'
#
loop_
_entity.id
_entity.type
_entity.pdbx_description
1 polymer Protocadherin-1
2 non-polymer 2-acetamido-2-deoxy-beta-D-glucopyranose
3 non-polymer alpha-D-mannopyranose
4 non-polymer 'CALCIUM ION'
#
_entity_poly.entity_id   1
_entity_poly.type   'polypeptide(L)'
_entity_poly.pdbx_seq_one_letter_code
;TRVVYKVPEEQPPNTLIGSLAADYGFPDVGHLYKLEVGAPYLRVDGKTGDIFTTETSIDREGLRECQNQLPGDPCILEFE
VSITDLVQNGSPRLLEGQIEVQDINDNTPNFASPVITLAIPENTNIGSLFPIPLASDRDAGPNGVASYELQAGPEAQELF
GLQVAEDQEEKQPQLIVMGNLDRERWDSYDLTIKVQDGGSPPRASSALLRVTVLDTNDNAPKFERPSYEAELSENSPIGH
SVIQVKANDSDQGANAEIEYTFHQAPEVVRRLLRLDRNTGLITVQGPVDREDLSTLRFSVLAKDRGTNPKSARAQVVVTV
KDMNDNAPTIEIRGIGLVTHQDGMANISEDVAEETAVALVQVSDRDEGENAAVTCVVAGDVPFQLRQASETGSDSKKKYF
LQTTTPLDYEKVKDYTIEIVAVDSGNPPLSSTNSLKVQVVDVNDNATDPPVGGHHHHHH
;
_entity_poly.pdbx_strand_id   A
#
# COMPACT_ATOMS: atom_id res chain seq x y z
N VAL A 3 -48.23 -34.51 -44.37
CA VAL A 3 -47.80 -35.69 -43.53
C VAL A 3 -46.41 -35.42 -42.90
N VAL A 4 -46.17 -36.01 -41.71
CA VAL A 4 -44.95 -35.75 -40.87
C VAL A 4 -44.01 -36.96 -40.92
N TYR A 5 -42.81 -36.78 -40.33
CA TYR A 5 -41.71 -37.78 -40.31
C TYR A 5 -40.65 -37.41 -39.26
N LYS A 6 -40.14 -38.40 -38.52
CA LYS A 6 -39.05 -38.17 -37.55
C LYS A 6 -37.75 -38.78 -38.10
N VAL A 7 -36.77 -37.93 -38.40
CA VAL A 7 -35.46 -38.44 -38.85
C VAL A 7 -34.36 -37.88 -37.94
N PRO A 8 -33.54 -38.75 -37.30
CA PRO A 8 -32.27 -38.34 -36.73
C PRO A 8 -31.41 -37.52 -37.71
N GLU A 9 -30.79 -36.44 -37.21
CA GLU A 9 -29.86 -35.63 -38.04
C GLU A 9 -28.59 -36.43 -38.33
N GLU A 10 -27.86 -35.97 -39.36
CA GLU A 10 -26.54 -36.47 -39.79
C GLU A 10 -26.49 -38.00 -39.82
N GLN A 11 -27.39 -38.58 -40.62
CA GLN A 11 -27.36 -39.98 -41.01
C GLN A 11 -26.50 -40.10 -42.25
N PRO A 12 -26.10 -41.34 -42.64
CA PRO A 12 -25.27 -41.53 -43.83
C PRO A 12 -26.13 -41.46 -45.08
N PRO A 13 -25.54 -41.17 -46.26
CA PRO A 13 -26.27 -41.14 -47.52
C PRO A 13 -27.24 -42.32 -47.70
N ASN A 14 -28.38 -42.03 -48.34
CA ASN A 14 -29.40 -43.00 -48.80
C ASN A 14 -29.92 -43.87 -47.65
N THR A 15 -30.11 -43.27 -46.47
CA THR A 15 -30.91 -43.88 -45.41
C THR A 15 -32.37 -43.61 -45.75
N LEU A 16 -33.21 -44.65 -45.61
CA LEU A 16 -34.61 -44.53 -45.98
C LEU A 16 -35.39 -43.90 -44.81
N ILE A 17 -36.11 -42.81 -45.11
CA ILE A 17 -36.82 -42.10 -44.08
C ILE A 17 -38.27 -42.57 -44.05
N GLY A 18 -38.74 -43.20 -45.14
CA GLY A 18 -40.03 -43.92 -45.16
C GLY A 18 -40.74 -43.85 -46.50
N SER A 19 -42.05 -44.16 -46.46
CA SER A 19 -42.92 -44.18 -47.65
C SER A 19 -44.41 -44.23 -47.27
N LEU A 20 -45.22 -44.67 -48.25
CA LEU A 20 -46.65 -44.37 -48.38
C LEU A 20 -47.53 -45.09 -47.35
N ALA A 21 -47.61 -44.49 -46.17
CA ALA A 21 -48.79 -44.52 -45.32
C ALA A 21 -49.86 -43.60 -45.95
N ALA A 22 -49.60 -43.16 -47.19
CA ALA A 22 -50.57 -42.56 -48.11
C ALA A 22 -50.68 -43.43 -49.38
N ASP A 23 -51.59 -43.02 -50.28
CA ASP A 23 -51.96 -43.79 -51.48
C ASP A 23 -52.70 -45.06 -51.02
N LEU A 32 -46.36 -41.50 -61.13
CA LEU A 32 -44.95 -41.17 -60.86
C LEU A 32 -44.84 -40.08 -59.77
N TYR A 33 -43.89 -40.32 -58.83
CA TYR A 33 -43.54 -39.41 -57.72
C TYR A 33 -42.35 -38.51 -58.08
N LYS A 34 -42.52 -37.19 -57.86
CA LYS A 34 -41.45 -36.20 -58.07
C LYS A 34 -41.25 -35.32 -56.83
N LEU A 35 -39.98 -35.00 -56.55
CA LEU A 35 -39.57 -34.05 -55.51
C LEU A 35 -39.62 -32.62 -56.06
N GLU A 36 -40.53 -31.81 -55.50
CA GLU A 36 -40.76 -30.42 -55.91
C GLU A 36 -39.96 -29.47 -55.01
N VAL A 37 -39.92 -29.77 -53.72
CA VAL A 37 -39.22 -28.96 -52.73
C VAL A 37 -38.64 -29.88 -51.66
N GLY A 38 -37.44 -29.51 -51.19
CA GLY A 38 -36.67 -30.28 -50.23
C GLY A 38 -35.36 -30.73 -50.84
N ALA A 39 -34.92 -30.01 -51.87
CA ALA A 39 -34.15 -30.56 -52.97
C ALA A 39 -32.79 -31.05 -52.48
N PRO A 40 -31.92 -30.22 -51.84
CA PRO A 40 -30.56 -30.65 -51.52
C PRO A 40 -30.46 -31.86 -50.58
N TYR A 41 -31.45 -32.05 -49.69
CA TYR A 41 -31.34 -32.95 -48.54
C TYR A 41 -32.06 -34.29 -48.73
N LEU A 42 -32.82 -34.46 -49.81
CA LEU A 42 -33.71 -35.63 -49.95
C LEU A 42 -33.66 -36.21 -51.36
N ARG A 43 -34.16 -37.45 -51.47
CA ARG A 43 -34.45 -38.11 -52.75
C ARG A 43 -35.72 -38.97 -52.64
N VAL A 44 -36.51 -38.95 -53.71
CA VAL A 44 -37.63 -39.87 -53.84
C VAL A 44 -37.39 -40.75 -55.07
N ASP A 45 -38.07 -41.90 -55.06
CA ASP A 45 -37.98 -42.89 -56.09
C ASP A 45 -39.34 -42.94 -56.83
N GLY A 46 -39.28 -43.12 -58.15
CA GLY A 46 -40.48 -43.25 -58.98
C GLY A 46 -41.21 -44.56 -58.71
N LYS A 47 -42.55 -44.48 -58.73
CA LYS A 47 -43.55 -45.61 -58.66
C LYS A 47 -43.60 -46.29 -57.27
N THR A 48 -42.78 -45.82 -56.31
CA THR A 48 -42.73 -46.36 -54.93
C THR A 48 -43.17 -45.30 -53.90
N GLY A 49 -42.61 -44.09 -54.02
CA GLY A 49 -42.90 -42.99 -53.11
C GLY A 49 -42.17 -43.18 -51.79
N ASP A 50 -41.06 -43.94 -51.85
CA ASP A 50 -40.16 -44.14 -50.70
C ASP A 50 -38.99 -43.16 -50.83
N ILE A 51 -38.73 -42.49 -49.73
CA ILE A 51 -37.95 -41.26 -49.71
C ILE A 51 -36.74 -41.50 -48.80
N PHE A 52 -35.54 -41.13 -49.28
CA PHE A 52 -34.31 -41.38 -48.52
C PHE A 52 -33.35 -40.18 -48.59
N THR A 53 -32.36 -40.19 -47.69
CA THR A 53 -31.43 -39.06 -47.47
C THR A 53 -30.43 -38.97 -48.62
N THR A 54 -29.63 -37.90 -48.62
CA THR A 54 -28.68 -37.64 -49.69
C THR A 54 -27.25 -37.64 -49.14
N GLU A 55 -26.31 -37.29 -50.01
CA GLU A 55 -24.93 -37.08 -49.65
C GLU A 55 -24.76 -35.69 -49.06
N THR A 56 -25.84 -34.89 -49.03
CA THR A 56 -25.94 -33.73 -48.13
C THR A 56 -26.70 -34.15 -46.88
N SER A 57 -26.00 -34.18 -45.74
CA SER A 57 -26.60 -34.63 -44.52
C SER A 57 -27.37 -33.45 -43.93
N ILE A 58 -28.45 -33.78 -43.22
CA ILE A 58 -29.24 -32.81 -42.51
C ILE A 58 -28.54 -32.53 -41.18
N ASP A 59 -28.00 -31.30 -41.01
CA ASP A 59 -27.49 -30.84 -39.72
C ASP A 59 -28.57 -30.02 -39.03
N ARG A 60 -29.13 -30.55 -37.95
CA ARG A 60 -30.12 -29.84 -37.14
C ARG A 60 -29.58 -28.47 -36.72
N GLU A 61 -28.25 -28.37 -36.57
CA GLU A 61 -27.60 -27.17 -36.10
C GLU A 61 -27.31 -26.24 -37.29
N GLY A 62 -27.35 -26.78 -38.51
CA GLY A 62 -26.95 -26.06 -39.72
C GLY A 62 -28.09 -25.27 -40.36
N LEU A 63 -29.32 -25.79 -40.27
CA LEU A 63 -30.48 -25.40 -41.09
C LEU A 63 -31.03 -24.02 -40.68
N ARG A 64 -31.11 -23.11 -41.68
CA ARG A 64 -31.70 -21.75 -41.53
C ARG A 64 -33.12 -21.87 -40.98
N GLU A 65 -33.80 -22.91 -41.47
CA GLU A 65 -35.16 -23.36 -41.10
C GLU A 65 -35.30 -23.56 -39.57
N CYS A 66 -34.18 -23.72 -38.82
CA CYS A 66 -34.22 -24.17 -37.40
C CYS A 66 -33.36 -23.29 -36.49
N GLN A 67 -33.15 -22.03 -36.89
CA GLN A 67 -31.98 -21.28 -36.44
C GLN A 67 -32.22 -20.73 -35.02
N ASN A 68 -33.17 -19.81 -34.85
CA ASN A 68 -33.36 -19.09 -33.57
C ASN A 68 -34.41 -19.78 -32.70
N GLN A 69 -34.96 -20.91 -33.17
CA GLN A 69 -35.94 -21.75 -32.47
C GLN A 69 -35.65 -21.75 -30.95
N LEU A 70 -36.70 -21.41 -30.18
CA LEU A 70 -36.69 -21.46 -28.71
C LEU A 70 -36.61 -22.91 -28.22
N PRO A 71 -36.10 -23.13 -26.99
CA PRO A 71 -36.00 -24.46 -26.41
C PRO A 71 -37.27 -25.29 -26.66
N GLY A 72 -37.08 -26.50 -27.20
CA GLY A 72 -38.17 -27.44 -27.36
C GLY A 72 -39.16 -27.04 -28.46
N ASP A 73 -38.86 -25.97 -29.22
CA ASP A 73 -39.62 -25.72 -30.47
C ASP A 73 -39.07 -26.63 -31.56
N PRO A 74 -39.86 -27.59 -32.08
CA PRO A 74 -39.33 -28.63 -32.96
C PRO A 74 -38.83 -28.12 -34.32
N CYS A 75 -37.74 -28.73 -34.81
CA CYS A 75 -37.03 -28.34 -36.02
C CYS A 75 -37.55 -29.18 -37.21
N ILE A 76 -38.26 -28.50 -38.11
CA ILE A 76 -39.03 -29.12 -39.21
C ILE A 76 -38.46 -28.65 -40.55
N LEU A 77 -38.15 -29.61 -41.43
CA LEU A 77 -37.73 -29.29 -42.77
C LEU A 77 -38.91 -29.54 -43.70
N GLU A 78 -39.32 -28.48 -44.43
CA GLU A 78 -40.43 -28.53 -45.37
C GLU A 78 -39.97 -29.27 -46.63
N PHE A 79 -40.84 -30.16 -47.16
CA PHE A 79 -40.64 -30.78 -48.46
C PHE A 79 -41.98 -31.01 -49.16
N GLU A 80 -41.97 -30.90 -50.49
CA GLU A 80 -43.14 -31.10 -51.33
C GLU A 80 -42.85 -32.16 -52.38
N VAL A 81 -43.77 -33.14 -52.52
CA VAL A 81 -43.69 -34.09 -53.63
C VAL A 81 -45.03 -34.15 -54.35
N SER A 82 -44.93 -34.38 -55.66
CA SER A 82 -46.05 -34.51 -56.58
C SER A 82 -46.21 -35.98 -57.03
N ILE A 83 -47.44 -36.48 -56.85
CA ILE A 83 -48.05 -37.62 -57.56
C ILE A 83 -48.66 -37.08 -58.87
N THR A 84 -48.02 -37.40 -60.00
CA THR A 84 -48.50 -36.96 -61.31
C THR A 84 -48.90 -38.18 -62.15
N ASP A 85 -49.65 -39.09 -61.52
CA ASP A 85 -50.37 -40.13 -62.23
C ASP A 85 -51.64 -40.53 -61.47
N LEU A 86 -52.78 -40.36 -62.14
CA LEU A 86 -54.09 -40.81 -61.71
C LEU A 86 -54.81 -41.34 -62.97
N VAL A 87 -54.32 -42.50 -63.45
CA VAL A 87 -54.76 -43.15 -64.72
C VAL A 87 -54.46 -42.21 -65.91
N GLN A 88 -53.37 -41.44 -65.82
CA GLN A 88 -53.02 -40.37 -66.78
C GLN A 88 -54.27 -39.60 -67.25
N ASN A 89 -55.08 -39.18 -66.27
CA ASN A 89 -56.29 -38.40 -66.53
C ASN A 89 -56.34 -37.23 -65.53
N GLY A 90 -56.20 -37.55 -64.23
CA GLY A 90 -56.06 -36.56 -63.19
C GLY A 90 -55.00 -35.53 -63.51
N SER A 91 -55.21 -34.29 -63.05
CA SER A 91 -54.16 -33.30 -62.94
C SER A 91 -53.44 -33.56 -61.62
N PRO A 92 -52.12 -33.30 -61.52
CA PRO A 92 -51.29 -33.86 -60.44
C PRO A 92 -51.73 -33.46 -59.02
N ARG A 93 -51.36 -34.29 -58.04
CA ARG A 93 -51.56 -34.00 -56.61
C ARG A 93 -50.20 -33.90 -55.90
N LEU A 94 -49.85 -32.71 -55.43
CA LEU A 94 -48.72 -32.58 -54.51
C LEU A 94 -49.19 -32.87 -53.09
N LEU A 95 -48.23 -32.97 -52.17
CA LEU A 95 -48.56 -33.10 -50.74
C LEU A 95 -47.50 -32.40 -49.87
N GLU A 96 -47.98 -31.61 -48.90
CA GLU A 96 -47.13 -31.03 -47.87
C GLU A 96 -46.50 -32.15 -47.04
N GLY A 97 -45.16 -32.09 -46.93
CA GLY A 97 -44.40 -32.94 -46.05
C GLY A 97 -43.76 -32.14 -44.93
N GLN A 98 -43.50 -32.82 -43.80
CA GLN A 98 -42.67 -32.26 -42.71
C GLN A 98 -41.78 -33.37 -42.14
N ILE A 99 -40.46 -33.28 -42.34
CA ILE A 99 -39.55 -34.15 -41.59
C ILE A 99 -39.00 -33.34 -40.42
N GLU A 100 -39.27 -33.87 -39.22
CA GLU A 100 -38.84 -33.29 -37.98
C GLU A 100 -37.46 -33.87 -37.67
N VAL A 101 -36.42 -33.03 -37.77
CA VAL A 101 -35.06 -33.53 -37.62
C VAL A 101 -34.81 -33.66 -36.12
N GLN A 102 -34.30 -34.82 -35.72
CA GLN A 102 -34.12 -35.13 -34.34
C GLN A 102 -32.65 -34.97 -34.02
N ASP A 103 -32.40 -34.48 -32.81
CA ASP A 103 -31.12 -34.05 -32.38
C ASP A 103 -30.31 -35.27 -31.91
N ILE A 104 -29.00 -35.24 -32.22
CA ILE A 104 -28.02 -36.18 -31.66
C ILE A 104 -26.87 -35.36 -31.06
N ASN A 105 -26.22 -35.96 -30.06
CA ASN A 105 -25.20 -35.31 -29.24
C ASN A 105 -23.90 -35.20 -30.04
N ASP A 106 -23.93 -34.41 -31.10
CA ASP A 106 -22.83 -34.35 -32.02
C ASP A 106 -22.08 -33.02 -31.81
N ASN A 107 -22.32 -32.35 -30.67
CA ASN A 107 -21.59 -31.13 -30.28
C ASN A 107 -21.25 -31.14 -28.79
N THR A 108 -20.05 -30.63 -28.51
CA THR A 108 -19.41 -30.70 -27.22
C THR A 108 -19.67 -29.42 -26.45
N PRO A 109 -19.96 -29.49 -25.13
CA PRO A 109 -20.15 -28.27 -24.35
C PRO A 109 -18.82 -27.51 -24.22
N ASN A 110 -18.88 -26.16 -24.23
CA ASN A 110 -17.69 -25.27 -24.41
C ASN A 110 -17.73 -24.02 -23.52
N PHE A 111 -16.54 -23.54 -23.14
CA PHE A 111 -16.39 -22.21 -22.58
C PHE A 111 -15.79 -21.29 -23.64
N ALA A 112 -16.12 -20.00 -23.58
CA ALA A 112 -15.73 -19.04 -24.60
C ALA A 112 -14.20 -18.95 -24.70
N SER A 113 -13.52 -18.96 -23.55
CA SER A 113 -12.08 -19.03 -23.44
C SER A 113 -11.71 -20.19 -22.53
N PRO A 114 -10.60 -20.91 -22.81
CA PRO A 114 -10.24 -22.13 -22.07
C PRO A 114 -9.54 -21.87 -20.74
N VAL A 115 -9.16 -20.61 -20.52
CA VAL A 115 -8.68 -20.17 -19.26
C VAL A 115 -9.64 -19.09 -18.76
N ILE A 116 -10.10 -19.23 -17.52
CA ILE A 116 -11.06 -18.33 -16.90
C ILE A 116 -10.42 -17.81 -15.62
N THR A 117 -10.72 -16.56 -15.27
CA THR A 117 -9.85 -15.82 -14.43
C THR A 117 -10.69 -14.92 -13.51
N LEU A 118 -10.99 -15.42 -12.29
CA LEU A 118 -11.76 -14.67 -11.25
C LEU A 118 -10.81 -13.92 -10.30
N ALA A 119 -11.21 -12.70 -9.92
CA ALA A 119 -10.54 -11.88 -8.91
C ALA A 119 -11.38 -11.84 -7.64
N ILE A 120 -10.93 -12.53 -6.58
CA ILE A 120 -11.66 -12.49 -5.32
C ILE A 120 -10.87 -11.69 -4.29
N PRO A 121 -11.48 -10.71 -3.58
CA PRO A 121 -10.77 -9.96 -2.54
C PRO A 121 -10.39 -10.82 -1.33
N GLU A 122 -9.24 -10.47 -0.71
CA GLU A 122 -8.82 -10.91 0.62
C GLU A 122 -9.99 -10.91 1.60
N ASN A 123 -10.01 -11.90 2.49
CA ASN A 123 -10.96 -11.95 3.62
C ASN A 123 -12.42 -11.75 3.14
N THR A 124 -12.77 -12.35 2.01
CA THR A 124 -14.14 -12.39 1.60
C THR A 124 -14.84 -13.28 2.64
N ASN A 125 -16.01 -12.90 3.12
CA ASN A 125 -16.66 -13.75 4.17
C ASN A 125 -16.90 -15.15 3.59
N ILE A 126 -16.93 -16.17 4.44
CA ILE A 126 -17.28 -17.55 4.00
C ILE A 126 -18.67 -17.49 3.36
N GLY A 127 -18.90 -18.32 2.33
CA GLY A 127 -20.19 -18.40 1.66
C GLY A 127 -20.31 -17.44 0.46
N SER A 128 -19.53 -16.37 0.42
CA SER A 128 -19.61 -15.41 -0.68
C SER A 128 -19.59 -16.11 -2.04
N LEU A 129 -20.45 -15.66 -2.96
CA LEU A 129 -20.59 -16.34 -4.25
C LEU A 129 -19.97 -15.49 -5.34
N PHE A 130 -19.38 -16.15 -6.34
CA PHE A 130 -18.90 -15.50 -7.55
C PHE A 130 -19.25 -16.32 -8.78
N PRO A 131 -19.77 -15.68 -9.85
CA PRO A 131 -20.20 -16.40 -11.03
C PRO A 131 -19.08 -16.90 -11.94
N ILE A 132 -19.22 -18.12 -12.42
CA ILE A 132 -18.33 -18.63 -13.45
C ILE A 132 -19.00 -18.38 -14.81
N PRO A 133 -18.24 -18.00 -15.85
CA PRO A 133 -18.79 -17.94 -17.20
C PRO A 133 -19.45 -19.26 -17.60
N LEU A 134 -20.57 -19.16 -18.31
CA LEU A 134 -21.38 -20.28 -18.76
C LEU A 134 -20.70 -21.02 -19.89
N ALA A 135 -20.89 -22.32 -19.89
CA ALA A 135 -20.63 -23.13 -21.02
C ALA A 135 -21.85 -23.13 -21.96
N SER A 136 -21.60 -23.38 -23.24
CA SER A 136 -22.66 -23.43 -24.21
C SER A 136 -22.53 -24.73 -24.98
N ASP A 137 -23.58 -25.10 -25.72
CA ASP A 137 -23.66 -26.36 -26.43
C ASP A 137 -24.65 -26.22 -27.58
N ARG A 138 -24.17 -26.35 -28.82
CA ARG A 138 -24.99 -26.03 -29.99
C ARG A 138 -26.15 -27.04 -30.06
N ASP A 139 -26.08 -28.15 -29.31
CA ASP A 139 -27.14 -29.20 -29.25
C ASP A 139 -28.33 -28.71 -28.41
N ALA A 140 -29.37 -29.55 -28.38
CA ALA A 140 -30.69 -29.21 -27.86
C ALA A 140 -31.20 -30.27 -26.87
N GLY A 141 -31.89 -29.80 -25.83
CA GLY A 141 -32.57 -30.66 -24.87
C GLY A 141 -31.57 -31.30 -23.94
N PRO A 142 -31.65 -32.63 -23.68
CA PRO A 142 -30.67 -33.29 -22.83
C PRO A 142 -29.26 -33.41 -23.46
N ASN A 143 -29.11 -32.99 -24.71
CA ASN A 143 -27.84 -33.13 -25.40
C ASN A 143 -26.96 -31.90 -25.16
N GLY A 144 -27.50 -30.93 -24.42
CA GLY A 144 -26.81 -29.70 -24.07
C GLY A 144 -26.35 -29.72 -22.62
N VAL A 145 -25.85 -28.58 -22.13
CA VAL A 145 -25.09 -28.57 -20.89
C VAL A 145 -25.91 -29.27 -19.80
N ALA A 146 -25.25 -30.05 -18.94
CA ALA A 146 -25.94 -30.94 -18.00
C ALA A 146 -25.47 -30.69 -16.56
N SER A 147 -24.14 -30.67 -16.36
CA SER A 147 -23.51 -30.55 -15.05
C SER A 147 -22.24 -29.70 -15.14
N TYR A 148 -21.78 -29.20 -13.98
CA TYR A 148 -20.45 -28.60 -13.81
C TYR A 148 -19.76 -29.27 -12.63
N GLU A 149 -18.44 -29.36 -12.72
CA GLU A 149 -17.67 -30.08 -11.74
C GLU A 149 -16.42 -29.27 -11.49
N LEU A 150 -16.01 -29.19 -10.22
CA LEU A 150 -14.87 -28.39 -9.84
C LEU A 150 -13.74 -29.33 -9.40
N GLN A 151 -12.78 -29.56 -10.31
CA GLN A 151 -11.59 -30.35 -10.02
C GLN A 151 -10.52 -29.39 -9.49
N ALA A 152 -9.81 -29.80 -8.42
CA ALA A 152 -9.05 -28.86 -7.61
C ALA A 152 -7.91 -29.55 -6.86
N GLY A 153 -6.82 -28.83 -6.65
CA GLY A 153 -5.74 -29.27 -5.76
C GLY A 153 -6.23 -29.36 -4.31
N PRO A 154 -5.68 -30.29 -3.49
CA PRO A 154 -6.08 -30.42 -2.09
C PRO A 154 -6.23 -29.10 -1.29
N GLU A 155 -5.13 -28.36 -1.11
CA GLU A 155 -5.10 -27.02 -0.46
C GLU A 155 -6.30 -26.16 -0.90
N ALA A 156 -6.52 -26.12 -2.23
CA ALA A 156 -7.52 -25.28 -2.87
C ALA A 156 -8.93 -25.81 -2.60
N GLN A 157 -9.08 -27.14 -2.57
CA GLN A 157 -10.39 -27.78 -2.30
C GLN A 157 -10.97 -27.32 -0.95
N GLU A 158 -10.14 -27.18 0.09
CA GLU A 158 -10.72 -26.73 1.38
C GLU A 158 -11.25 -25.30 1.24
N LEU A 159 -10.86 -24.58 0.19
CA LEU A 159 -11.06 -23.11 0.08
C LEU A 159 -12.23 -22.72 -0.84
N PHE A 160 -12.64 -23.61 -1.75
CA PHE A 160 -13.54 -23.25 -2.82
C PHE A 160 -14.54 -24.36 -3.10
N GLY A 161 -15.80 -23.95 -3.28
CA GLY A 161 -16.87 -24.86 -3.69
C GLY A 161 -17.58 -24.38 -4.96
N LEU A 162 -18.48 -25.24 -5.47
CA LEU A 162 -19.30 -24.98 -6.64
C LEU A 162 -20.77 -25.08 -6.27
N GLN A 163 -21.57 -24.23 -6.91
CA GLN A 163 -22.99 -24.18 -6.70
C GLN A 163 -23.63 -23.82 -8.03
N VAL A 164 -24.77 -24.43 -8.36
CA VAL A 164 -25.43 -24.07 -9.61
C VAL A 164 -26.88 -23.66 -9.32
N ALA A 165 -27.31 -22.59 -10.00
CA ALA A 165 -28.64 -22.01 -9.85
C ALA A 165 -29.54 -22.37 -11.05
N GLU A 166 -30.79 -22.82 -10.79
CA GLU A 166 -31.85 -23.11 -11.84
C GLU A 166 -32.85 -21.92 -11.98
N ASP A 167 -32.56 -20.80 -11.28
CA ASP A 167 -33.25 -19.50 -11.36
C ASP A 167 -33.55 -19.10 -12.81
N GLN A 168 -32.48 -18.76 -13.54
CA GLN A 168 -32.52 -18.20 -14.90
C GLN A 168 -32.73 -19.29 -15.95
N GLU A 169 -33.30 -20.45 -15.57
CA GLU A 169 -33.78 -21.40 -16.57
C GLU A 169 -32.60 -21.84 -17.46
N GLU A 170 -31.41 -21.36 -17.11
CA GLU A 170 -30.09 -21.64 -17.72
C GLU A 170 -29.11 -21.56 -16.54
N LYS A 171 -28.25 -22.57 -16.46
CA LYS A 171 -27.49 -22.87 -15.28
C LYS A 171 -26.39 -21.83 -15.12
N GLN A 172 -26.45 -21.06 -14.04
CA GLN A 172 -25.38 -20.18 -13.70
C GLN A 172 -24.54 -20.93 -12.68
N PRO A 173 -23.31 -21.35 -13.03
CA PRO A 173 -22.39 -21.98 -12.09
C PRO A 173 -21.66 -20.89 -11.29
N GLN A 174 -21.37 -21.19 -10.02
CA GLN A 174 -20.80 -20.24 -9.12
C GLN A 174 -19.78 -20.89 -8.17
N LEU A 175 -18.67 -20.16 -7.97
CA LEU A 175 -17.72 -20.38 -6.91
C LEU A 175 -18.31 -19.89 -5.58
N ILE A 176 -18.28 -20.77 -4.58
CA ILE A 176 -18.46 -20.44 -3.17
C ILE A 176 -17.07 -20.35 -2.54
N VAL A 177 -16.83 -19.35 -1.68
CA VAL A 177 -15.58 -19.30 -0.90
C VAL A 177 -15.84 -20.00 0.43
N MET A 178 -15.05 -21.04 0.70
CA MET A 178 -15.36 -21.96 1.76
C MET A 178 -14.59 -21.61 3.03
N GLY A 179 -13.44 -20.92 2.90
CA GLY A 179 -12.64 -20.42 4.06
C GLY A 179 -11.93 -19.11 3.74
N ASN A 180 -11.13 -18.58 4.68
CA ASN A 180 -10.53 -17.25 4.53
C ASN A 180 -9.40 -17.29 3.49
N LEU A 181 -9.34 -16.22 2.68
CA LEU A 181 -8.24 -15.92 1.79
C LEU A 181 -7.42 -14.80 2.40
N ASP A 182 -6.09 -14.95 2.32
CA ASP A 182 -5.12 -13.91 2.70
C ASP A 182 -4.10 -13.72 1.58
N ARG A 183 -3.98 -12.50 1.07
CA ARG A 183 -3.25 -12.28 -0.14
C ARG A 183 -1.78 -12.53 0.20
N GLU A 184 -1.36 -11.89 1.27
CA GLU A 184 -0.03 -11.98 1.86
C GLU A 184 0.42 -13.45 2.01
N ARG A 185 -0.43 -14.32 2.58
CA ARG A 185 -0.18 -15.77 2.62
C ARG A 185 -0.02 -16.34 1.19
N TRP A 186 -1.09 -16.39 0.40
CA TRP A 186 -1.04 -16.91 -0.99
C TRP A 186 -2.10 -16.22 -1.86
N ASP A 187 -1.71 -15.94 -3.11
CA ASP A 187 -2.34 -14.92 -3.93
C ASP A 187 -2.73 -15.46 -5.32
N SER A 188 -2.76 -16.78 -5.51
CA SER A 188 -3.11 -17.31 -6.81
C SER A 188 -3.41 -18.79 -6.70
N TYR A 189 -4.63 -19.19 -7.09
CA TYR A 189 -5.01 -20.58 -7.10
C TYR A 189 -5.40 -21.03 -8.51
N ASP A 190 -5.41 -22.36 -8.65
CA ASP A 190 -5.61 -23.06 -9.89
C ASP A 190 -6.68 -24.14 -9.68
N LEU A 191 -7.77 -24.01 -10.43
CA LEU A 191 -8.87 -24.96 -10.41
C LEU A 191 -9.20 -25.32 -11.87
N THR A 192 -9.72 -26.53 -12.13
CA THR A 192 -10.37 -26.72 -13.42
C THR A 192 -11.87 -26.92 -13.19
N ILE A 193 -12.63 -26.34 -14.11
CA ILE A 193 -14.07 -26.41 -14.18
C ILE A 193 -14.41 -27.31 -15.37
N LYS A 194 -15.06 -28.45 -15.10
CA LYS A 194 -15.48 -29.39 -16.13
C LYS A 194 -16.98 -29.25 -16.39
N VAL A 195 -17.31 -29.00 -17.66
CA VAL A 195 -18.66 -29.02 -18.12
C VAL A 195 -18.87 -30.33 -18.86
N GLN A 196 -20.10 -30.83 -18.76
CA GLN A 196 -20.51 -32.05 -19.38
C GLN A 196 -21.96 -31.94 -19.84
N ASP A 197 -22.30 -32.61 -20.95
CA ASP A 197 -23.69 -32.63 -21.40
C ASP A 197 -24.36 -33.95 -20.97
N GLY A 198 -25.62 -34.11 -21.38
CA GLY A 198 -26.47 -35.20 -20.90
C GLY A 198 -26.84 -36.14 -22.02
N GLY A 199 -25.95 -36.26 -23.02
CA GLY A 199 -26.05 -37.25 -24.04
C GLY A 199 -25.50 -38.59 -23.57
N SER A 200 -25.60 -39.61 -24.43
CA SER A 200 -25.09 -40.95 -24.17
C SER A 200 -24.43 -41.51 -25.42
N PRO A 201 -23.09 -41.64 -25.44
CA PRO A 201 -22.20 -41.10 -24.42
C PRO A 201 -22.33 -39.59 -24.30
N PRO A 202 -21.96 -39.01 -23.14
CA PRO A 202 -21.90 -37.58 -22.97
C PRO A 202 -20.60 -37.01 -23.55
N ARG A 203 -20.54 -35.69 -23.64
CA ARG A 203 -19.36 -35.00 -24.01
C ARG A 203 -19.07 -33.91 -22.97
N ALA A 204 -17.78 -33.63 -22.77
CA ALA A 204 -17.31 -32.78 -21.72
C ALA A 204 -16.19 -31.86 -22.21
N SER A 205 -15.89 -30.85 -21.39
CA SER A 205 -14.85 -29.91 -21.70
C SER A 205 -14.39 -29.22 -20.41
N SER A 206 -13.15 -28.73 -20.43
CA SER A 206 -12.53 -28.15 -19.26
C SER A 206 -11.99 -26.77 -19.59
N ALA A 207 -11.76 -26.03 -18.52
CA ALA A 207 -11.16 -24.74 -18.56
C ALA A 207 -10.40 -24.55 -17.24
N LEU A 208 -9.28 -23.84 -17.35
CA LEU A 208 -8.55 -23.51 -16.19
C LEU A 208 -9.21 -22.26 -15.66
N LEU A 209 -9.69 -22.40 -14.43
CA LEU A 209 -10.23 -21.36 -13.61
C LEU A 209 -9.15 -20.95 -12.64
N ARG A 210 -8.62 -19.73 -12.83
CA ARG A 210 -7.67 -19.13 -11.95
C ARG A 210 -8.37 -18.11 -11.05
N VAL A 211 -8.40 -18.41 -9.74
CA VAL A 211 -8.70 -17.44 -8.70
C VAL A 211 -7.42 -16.64 -8.36
N THR A 212 -7.56 -15.32 -8.45
CA THR A 212 -6.63 -14.33 -8.08
C THR A 212 -7.12 -13.63 -6.83
N VAL A 213 -6.35 -13.71 -5.75
CA VAL A 213 -6.69 -13.02 -4.53
C VAL A 213 -6.29 -11.54 -4.66
N LEU A 214 -7.29 -10.65 -4.54
CA LEU A 214 -7.07 -9.21 -4.64
C LEU A 214 -6.72 -8.70 -3.25
N ASP A 215 -5.91 -7.63 -3.20
CA ASP A 215 -5.37 -7.08 -1.93
C ASP A 215 -6.36 -6.10 -1.32
N THR A 216 -6.59 -6.23 -0.02
CA THR A 216 -7.20 -5.14 0.74
C THR A 216 -6.15 -4.56 1.70
N ASN A 217 -6.36 -3.30 2.10
CA ASN A 217 -5.46 -2.58 2.97
C ASN A 217 -5.73 -3.02 4.40
N ASP A 218 -5.32 -4.27 4.71
CA ASP A 218 -5.60 -4.96 5.97
C ASP A 218 -4.37 -4.96 6.87
N ASN A 219 -3.36 -4.15 6.51
CA ASN A 219 -2.07 -4.14 7.16
C ASN A 219 -1.60 -2.71 7.34
N ALA A 220 -1.12 -2.40 8.56
CA ALA A 220 -0.56 -1.10 8.90
C ALA A 220 0.95 -1.05 8.67
N PRO A 221 1.48 0.17 8.48
CA PRO A 221 2.93 0.37 8.47
C PRO A 221 3.58 -0.07 9.79
N LYS A 222 4.85 -0.48 9.73
CA LYS A 222 5.68 -0.62 10.94
C LYS A 222 7.08 -0.03 10.69
N PHE A 223 7.62 0.61 11.72
CA PHE A 223 8.95 1.15 11.62
C PHE A 223 9.97 0.05 11.81
N GLU A 224 11.12 0.21 11.15
CA GLU A 224 12.25 -0.68 11.34
C GLU A 224 12.49 -0.82 12.85
N ARG A 225 12.50 0.31 13.57
CA ARG A 225 12.80 0.38 15.00
C ARG A 225 11.68 1.11 15.73
N PRO A 226 11.27 0.66 16.94
CA PRO A 226 10.24 1.34 17.70
C PRO A 226 10.52 2.82 17.98
N SER A 227 11.79 3.07 18.28
CA SER A 227 12.29 4.30 18.76
C SER A 227 13.45 4.72 17.86
N TYR A 228 13.81 6.01 17.89
CA TYR A 228 14.94 6.47 17.11
C TYR A 228 15.78 7.47 17.92
N GLU A 229 17.10 7.32 17.86
CA GLU A 229 18.06 8.25 18.49
C GLU A 229 19.06 8.77 17.45
N ALA A 230 19.57 9.98 17.66
CA ALA A 230 20.58 10.56 16.78
C ALA A 230 21.29 11.70 17.50
N GLU A 231 22.62 11.78 17.34
CA GLU A 231 23.38 12.97 17.76
C GLU A 231 23.34 13.97 16.61
N LEU A 232 23.14 15.25 16.92
CA LEU A 232 23.27 16.28 15.94
C LEU A 232 24.01 17.46 16.53
N SER A 233 25.10 17.82 15.83
CA SER A 233 25.98 18.91 16.17
C SER A 233 25.21 20.23 16.06
N GLU A 234 25.33 21.04 17.11
CA GLU A 234 24.81 22.40 17.14
C GLU A 234 25.36 23.17 15.92
N ASN A 235 24.60 24.19 15.51
CA ASN A 235 24.88 25.08 14.34
C ASN A 235 25.32 24.29 13.08
N SER A 236 24.70 23.13 12.80
CA SER A 236 24.99 22.41 11.53
C SER A 236 24.35 23.21 10.39
N PRO A 237 24.79 23.01 9.12
CA PRO A 237 24.23 23.76 7.99
C PRO A 237 22.87 23.24 7.49
N ILE A 238 22.14 24.09 6.76
CA ILE A 238 20.85 23.73 6.17
C ILE A 238 21.07 22.51 5.23
N GLY A 239 20.35 21.41 5.51
CA GLY A 239 20.36 20.21 4.63
C GLY A 239 21.20 19.05 5.13
N HIS A 240 21.76 19.15 6.35
CA HIS A 240 22.64 18.12 6.91
C HIS A 240 21.77 16.94 7.38
N SER A 241 22.09 15.71 6.95
CA SER A 241 21.27 14.52 7.28
C SER A 241 21.35 14.22 8.78
N VAL A 242 20.22 14.42 9.46
CA VAL A 242 20.04 14.09 10.87
C VAL A 242 19.79 12.60 11.03
N ILE A 243 18.69 12.11 10.45
CA ILE A 243 18.33 10.68 10.51
C ILE A 243 17.28 10.37 9.44
N GLN A 244 17.26 9.12 8.97
CA GLN A 244 16.24 8.54 8.08
C GLN A 244 15.45 7.53 8.90
N VAL A 245 14.14 7.81 9.08
CA VAL A 245 13.20 6.82 9.62
C VAL A 245 12.61 6.07 8.43
N LYS A 246 12.29 4.80 8.61
CA LYS A 246 11.72 4.03 7.52
C LYS A 246 10.77 2.97 8.08
N ALA A 247 9.64 2.80 7.38
CA ALA A 247 8.61 1.84 7.71
C ALA A 247 8.30 0.91 6.52
N ASN A 248 7.50 -0.10 6.83
CA ASN A 248 7.41 -1.35 6.16
C ASN A 248 5.91 -1.68 6.12
N ASP A 249 5.35 -2.07 4.98
CA ASP A 249 3.89 -2.44 4.89
C ASP A 249 3.73 -3.72 4.05
N SER A 250 3.05 -4.73 4.58
CA SER A 250 3.01 -6.04 3.92
C SER A 250 1.92 -6.14 2.84
N ASP A 251 1.09 -5.09 2.68
CA ASP A 251 0.08 -4.99 1.56
C ASP A 251 0.82 -4.73 0.25
N GLN A 252 0.10 -4.19 -0.74
CA GLN A 252 0.51 -4.12 -2.12
C GLN A 252 0.20 -2.69 -2.61
N GLY A 253 0.80 -2.26 -3.71
CA GLY A 253 0.57 -0.92 -4.30
C GLY A 253 0.40 0.16 -3.24
N ALA A 254 -0.62 1.00 -3.40
CA ALA A 254 -0.78 2.21 -2.60
C ALA A 254 -1.30 1.87 -1.20
N ASN A 255 -1.67 0.61 -1.00
CA ASN A 255 -2.01 0.16 0.36
C ASN A 255 -0.72 -0.01 1.17
N ALA A 256 0.43 0.08 0.46
CA ALA A 256 1.74 -0.15 1.05
C ALA A 256 2.72 1.00 0.75
N GLU A 257 2.33 2.00 -0.05
CA GLU A 257 3.15 3.20 -0.23
C GLU A 257 3.01 4.07 1.02
N ILE A 258 4.11 4.70 1.44
CA ILE A 258 4.18 5.27 2.76
C ILE A 258 4.47 6.77 2.69
N GLU A 259 3.84 7.50 3.61
CA GLU A 259 4.09 8.91 3.81
C GLU A 259 4.51 9.16 5.27
N TYR A 260 5.55 9.99 5.43
CA TYR A 260 6.09 10.38 6.72
C TYR A 260 5.76 11.85 6.98
N THR A 261 5.27 12.14 8.19
CA THR A 261 4.93 13.49 8.64
C THR A 261 5.09 13.57 10.16
N PHE A 262 5.43 14.77 10.66
CA PHE A 262 5.56 14.96 12.10
C PHE A 262 4.20 14.71 12.75
N HIS A 263 4.18 13.93 13.84
CA HIS A 263 3.03 13.73 14.70
C HIS A 263 3.14 14.68 15.90
N GLN A 264 3.64 14.25 17.07
CA GLN A 264 3.60 15.18 18.25
C GLN A 264 4.90 15.99 18.30
N ALA A 265 4.97 17.03 17.46
CA ALA A 265 6.16 17.87 17.29
C ALA A 265 5.85 19.34 17.57
N PRO A 266 6.29 19.92 18.72
CA PRO A 266 6.11 21.34 18.98
C PRO A 266 6.81 22.23 17.94
N GLU A 267 6.39 23.51 17.86
CA GLU A 267 6.68 24.36 16.70
C GLU A 267 8.19 24.48 16.54
N VAL A 268 8.86 24.74 17.66
CA VAL A 268 10.31 24.94 17.72
C VAL A 268 11.00 23.93 16.79
N VAL A 269 10.62 22.65 16.94
CA VAL A 269 11.25 21.53 16.27
C VAL A 269 10.91 21.62 14.78
N ARG A 270 9.63 21.86 14.50
CA ARG A 270 9.10 22.02 13.16
C ARG A 270 9.98 23.05 12.44
N ARG A 271 10.32 24.15 13.11
CA ARG A 271 11.21 25.19 12.51
C ARG A 271 12.57 24.57 12.14
N LEU A 272 13.15 23.77 13.03
CA LEU A 272 14.56 23.37 12.88
C LEU A 272 14.68 22.17 11.92
N LEU A 273 13.67 21.30 11.85
CA LEU A 273 13.78 20.03 11.06
C LEU A 273 12.81 20.00 9.88
N ARG A 274 13.23 19.31 8.82
CA ARG A 274 12.46 19.06 7.61
C ARG A 274 12.40 17.54 7.39
N LEU A 275 11.18 17.00 7.46
CA LEU A 275 10.90 15.61 7.20
C LEU A 275 10.36 15.49 5.76
N ASP A 276 11.03 14.65 4.96
CA ASP A 276 10.68 14.43 3.57
C ASP A 276 9.77 13.20 3.48
N ARG A 277 8.61 13.39 2.84
CA ARG A 277 7.50 12.46 2.93
C ARG A 277 7.79 11.11 2.26
N ASN A 278 8.60 11.08 1.19
CA ASN A 278 8.84 9.82 0.47
C ASN A 278 9.91 8.99 1.18
N THR A 279 11.07 9.58 1.41
CA THR A 279 12.27 8.88 1.86
C THR A 279 12.31 8.79 3.39
N GLY A 280 11.67 9.74 4.07
CA GLY A 280 11.59 9.69 5.55
C GLY A 280 12.89 10.14 6.19
N LEU A 281 13.64 10.93 5.42
CA LEU A 281 14.88 11.50 5.84
C LEU A 281 14.60 12.89 6.43
N ILE A 282 14.81 13.02 7.74
CA ILE A 282 14.83 14.29 8.43
C ILE A 282 16.17 14.98 8.09
N THR A 283 16.09 16.31 7.89
CA THR A 283 17.28 17.14 7.63
C THR A 283 17.09 18.51 8.26
N VAL A 284 18.17 19.30 8.27
CA VAL A 284 18.18 20.59 8.97
C VAL A 284 17.60 21.68 8.07
N GLN A 285 16.74 22.52 8.66
CA GLN A 285 16.02 23.54 7.94
C GLN A 285 15.99 24.83 8.77
N GLY A 286 16.84 24.92 9.79
CA GLY A 286 16.75 26.06 10.70
C GLY A 286 17.91 26.13 11.67
N PRO A 287 18.14 27.30 12.30
CA PRO A 287 19.23 27.48 13.27
C PRO A 287 19.10 26.62 14.54
N VAL A 288 20.08 25.71 14.74
CA VAL A 288 20.10 24.76 15.89
C VAL A 288 21.12 25.25 16.92
N ASP A 289 20.64 25.49 18.15
CA ASP A 289 21.40 26.04 19.23
C ASP A 289 21.19 25.19 20.49
N ARG A 290 22.21 24.41 20.88
CA ARG A 290 22.15 23.61 22.12
C ARG A 290 21.81 24.47 23.34
N GLU A 291 22.15 25.77 23.31
CA GLU A 291 21.93 26.63 24.48
C GLU A 291 20.48 27.06 24.51
N ASP A 292 19.79 26.88 23.37
CA ASP A 292 18.35 27.05 23.27
C ASP A 292 17.64 25.71 23.57
N LEU A 293 17.98 24.67 22.81
CA LEU A 293 17.32 23.39 22.98
C LEU A 293 18.32 22.24 22.84
N SER A 294 18.54 21.54 23.96
CA SER A 294 19.61 20.54 24.14
C SER A 294 19.18 19.18 23.59
N THR A 295 17.90 18.86 23.77
CA THR A 295 17.26 17.72 23.12
C THR A 295 16.16 18.18 22.16
N LEU A 296 16.02 17.47 21.03
CA LEU A 296 14.86 17.57 20.16
C LEU A 296 14.03 16.27 20.29
N ARG A 297 12.83 16.38 20.90
CA ARG A 297 11.93 15.24 21.16
C ARG A 297 10.63 15.39 20.34
N PHE A 298 10.31 14.35 19.56
CA PHE A 298 9.11 14.36 18.76
C PHE A 298 8.74 12.95 18.28
N SER A 299 7.52 12.82 17.76
CA SER A 299 7.04 11.61 17.13
C SER A 299 6.97 11.81 15.61
N VAL A 300 6.90 10.68 14.91
CA VAL A 300 6.83 10.69 13.46
C VAL A 300 5.75 9.68 13.05
N LEU A 301 5.00 10.03 12.01
CA LEU A 301 3.78 9.34 11.60
C LEU A 301 4.01 8.71 10.23
N ALA A 302 4.00 7.37 10.16
CA ALA A 302 4.04 6.67 8.87
C ALA A 302 2.62 6.28 8.48
N LYS A 303 2.24 6.59 7.23
CA LYS A 303 0.85 6.40 6.83
C LYS A 303 0.80 5.80 5.41
N ASP A 304 -0.01 4.75 5.21
CA ASP A 304 -0.09 4.15 3.85
C ASP A 304 -1.04 5.00 2.99
N ARG A 305 -1.08 4.71 1.69
CA ARG A 305 -1.87 5.52 0.74
C ARG A 305 -3.17 4.77 0.39
N GLY A 306 -3.51 3.77 1.20
CA GLY A 306 -4.84 3.20 1.16
C GLY A 306 -5.91 4.27 1.26
N THR A 307 -7.13 3.94 0.78
CA THR A 307 -8.25 4.86 0.76
C THR A 307 -8.63 5.24 2.18
N ASN A 308 -8.62 4.23 3.06
CA ASN A 308 -8.64 4.45 4.51
C ASN A 308 -7.25 4.20 5.07
N PRO A 309 -6.42 5.25 5.19
CA PRO A 309 -5.02 5.09 5.52
C PRO A 309 -4.84 4.46 6.90
N LYS A 310 -3.96 3.48 7.00
CA LYS A 310 -3.47 2.97 8.25
C LYS A 310 -2.09 3.59 8.51
N SER A 311 -1.74 3.64 9.81
CA SER A 311 -0.65 4.48 10.24
C SER A 311 0.07 3.90 11.46
N ALA A 312 1.34 4.25 11.60
CA ALA A 312 2.19 3.93 12.75
C ALA A 312 2.91 5.20 13.21
N ARG A 313 3.47 5.17 14.42
CA ARG A 313 4.35 6.26 14.79
C ARG A 313 5.50 5.77 15.67
N ALA A 314 6.57 6.56 15.60
CA ALA A 314 7.81 6.28 16.23
C ALA A 314 8.24 7.54 16.97
N GLN A 315 8.72 7.35 18.21
CA GLN A 315 9.42 8.38 18.98
C GLN A 315 10.81 8.54 18.39
N VAL A 316 11.22 9.80 18.25
CA VAL A 316 12.54 10.18 17.82
C VAL A 316 13.07 11.11 18.90
N VAL A 317 14.33 10.91 19.29
CA VAL A 317 14.97 11.88 20.16
C VAL A 317 16.39 12.16 19.64
N VAL A 318 16.59 13.44 19.32
CA VAL A 318 17.82 13.97 18.79
C VAL A 318 18.56 14.66 19.94
N THR A 319 19.78 14.20 20.23
CA THR A 319 20.60 14.83 21.21
C THR A 319 21.42 15.91 20.49
N VAL A 320 21.34 17.16 20.97
CA VAL A 320 22.10 18.27 20.37
C VAL A 320 23.48 18.35 21.04
N LYS A 321 24.51 18.29 20.20
CA LYS A 321 25.88 18.25 20.64
C LYS A 321 26.41 19.68 20.64
N ASP A 322 27.25 19.97 21.63
CA ASP A 322 27.72 21.33 21.94
C ASP A 322 28.85 21.75 20.99
N MET A 323 28.91 23.06 20.75
CA MET A 323 29.99 23.74 20.08
C MET A 323 30.44 24.90 20.96
N ASN A 324 31.76 25.20 20.95
CA ASN A 324 32.24 26.35 21.69
C ASN A 324 31.87 27.63 20.91
N ASP A 325 30.61 28.06 21.04
CA ASP A 325 30.11 29.27 20.37
C ASP A 325 29.73 30.33 21.41
N ASN A 326 30.17 30.16 22.67
CA ASN A 326 29.85 31.12 23.72
C ASN A 326 31.11 31.46 24.52
N ALA A 327 31.41 32.76 24.53
CA ALA A 327 32.58 33.31 25.12
C ALA A 327 32.27 33.66 26.55
N PRO A 328 33.17 33.34 27.51
CA PRO A 328 32.86 33.48 28.93
C PRO A 328 32.45 34.89 29.33
N THR A 329 31.89 34.98 30.56
CA THR A 329 31.14 36.13 31.03
C THR A 329 31.60 36.42 32.44
N ILE A 330 32.20 37.61 32.60
CA ILE A 330 32.76 38.08 33.85
C ILE A 330 31.77 39.09 34.44
N GLU A 331 30.99 38.63 35.42
CA GLU A 331 30.10 39.46 36.19
C GLU A 331 30.85 39.91 37.45
N ILE A 332 31.16 41.21 37.51
CA ILE A 332 31.72 41.91 38.68
C ILE A 332 30.56 42.62 39.39
N ARG A 333 30.47 42.46 40.72
CA ARG A 333 29.42 43.19 41.49
C ARG A 333 29.92 43.46 42.91
N GLY A 334 29.19 44.31 43.64
CA GLY A 334 29.50 44.70 45.01
C GLY A 334 29.24 43.56 45.97
N ILE A 335 29.60 43.77 47.25
CA ILE A 335 29.23 42.90 48.39
C ILE A 335 29.07 43.81 49.61
N GLY A 336 28.26 43.37 50.58
CA GLY A 336 27.99 44.16 51.79
C GLY A 336 27.84 45.64 51.46
N LEU A 337 28.76 46.47 52.00
CA LEU A 337 28.63 47.94 51.96
C LEU A 337 29.32 48.50 50.71
N VAL A 338 30.47 47.94 50.33
CA VAL A 338 31.13 48.25 49.05
C VAL A 338 30.21 47.87 47.89
N THR A 339 30.05 48.81 46.93
CA THR A 339 29.00 48.73 45.90
C THR A 339 29.41 49.58 44.69
N HIS A 340 29.32 49.00 43.49
CA HIS A 340 29.86 49.64 42.27
C HIS A 340 28.84 50.60 41.65
N GLN A 341 29.31 51.40 40.68
CA GLN A 341 28.57 52.47 39.99
C GLN A 341 29.21 52.71 38.61
N ASP A 342 28.42 52.50 37.56
CA ASP A 342 28.86 52.57 36.14
C ASP A 342 30.28 51.99 36.00
N GLY A 343 30.49 50.83 36.65
CA GLY A 343 31.72 50.06 36.55
C GLY A 343 32.89 50.70 37.29
N MET A 344 32.61 51.34 38.44
CA MET A 344 33.67 51.78 39.38
C MET A 344 33.09 52.03 40.79
N ALA A 345 33.95 51.84 41.80
CA ALA A 345 33.55 51.90 43.21
C ALA A 345 34.56 52.74 44.02
N ASN A 346 34.27 52.90 45.33
CA ASN A 346 35.04 53.77 46.26
C ASN A 346 35.69 52.91 47.37
N ILE A 347 36.92 53.27 47.74
CA ILE A 347 37.59 52.86 49.02
C ILE A 347 38.73 53.86 49.30
N SER A 348 39.11 54.03 50.57
CA SER A 348 40.22 54.93 50.93
C SER A 348 40.80 54.53 52.28
N GLU A 349 42.14 54.62 52.42
CA GLU A 349 42.83 54.22 53.64
C GLU A 349 42.28 52.84 54.05
N ASP A 350 42.45 51.83 53.19
CA ASP A 350 41.85 50.48 53.33
C ASP A 350 41.99 49.98 54.77
N VAL A 351 40.94 49.33 55.29
CA VAL A 351 40.91 48.89 56.69
C VAL A 351 41.97 47.78 56.90
N ALA A 352 42.14 46.90 55.90
CA ALA A 352 43.19 45.85 55.96
C ALA A 352 43.41 45.25 54.57
N GLU A 353 44.55 44.58 54.40
CA GLU A 353 44.77 43.74 53.24
C GLU A 353 44.00 42.42 53.43
N GLU A 354 43.65 41.80 52.31
CA GLU A 354 42.86 40.56 52.24
C GLU A 354 41.37 40.85 52.46
N THR A 355 41.02 42.13 52.58
CA THR A 355 39.62 42.61 52.53
C THR A 355 39.16 42.68 51.07
N ALA A 356 37.84 42.47 50.88
CA ALA A 356 37.27 42.22 49.56
C ALA A 356 36.60 43.49 49.03
N VAL A 357 36.88 43.82 47.76
CA VAL A 357 36.28 44.98 47.13
C VAL A 357 35.07 44.57 46.26
N ALA A 358 35.19 43.45 45.55
CA ALA A 358 34.14 42.96 44.62
C ALA A 358 33.91 41.46 44.80
N LEU A 359 32.69 41.03 44.46
CA LEU A 359 32.40 39.63 44.14
C LEU A 359 32.37 39.46 42.63
N VAL A 360 32.98 38.36 42.18
CA VAL A 360 33.21 38.13 40.79
C VAL A 360 32.79 36.70 40.45
N GLN A 361 31.94 36.62 39.42
CA GLN A 361 31.37 35.41 38.94
C GLN A 361 31.74 35.27 37.48
N VAL A 362 32.31 34.13 37.11
CA VAL A 362 32.67 33.87 35.74
C VAL A 362 31.81 32.70 35.25
N SER A 363 31.20 32.88 34.07
CA SER A 363 30.18 31.95 33.58
C SER A 363 30.36 31.68 32.07
N ASP A 364 30.23 30.41 31.69
CA ASP A 364 30.20 30.03 30.29
C ASP A 364 28.97 29.15 30.02
N ARG A 365 28.33 29.42 28.88
CA ARG A 365 27.03 28.89 28.59
C ARG A 365 27.12 27.56 27.85
N ASP A 366 28.31 27.17 27.38
CA ASP A 366 28.50 25.88 26.69
C ASP A 366 28.64 24.78 27.74
N GLU A 367 29.20 23.64 27.33
CA GLU A 367 29.12 22.41 28.06
C GLU A 367 30.51 21.80 28.17
N GLY A 368 30.82 21.27 29.36
CA GLY A 368 32.11 20.64 29.65
C GLY A 368 33.29 21.57 29.38
N GLU A 369 34.28 21.04 28.66
CA GLU A 369 35.53 21.72 28.31
C GLU A 369 35.24 23.13 27.75
N ASN A 370 34.37 23.23 26.76
CA ASN A 370 34.12 24.52 26.12
C ASN A 370 33.50 25.53 27.10
N ALA A 371 33.19 25.12 28.34
CA ALA A 371 32.67 26.03 29.33
C ALA A 371 33.47 25.97 30.62
N ALA A 372 34.65 25.34 30.54
CA ALA A 372 35.65 25.33 31.60
C ALA A 372 36.47 26.60 31.48
N VAL A 373 36.52 27.39 32.56
CA VAL A 373 37.03 28.74 32.52
C VAL A 373 38.28 28.90 33.39
N THR A 374 39.36 29.42 32.79
CA THR A 374 40.51 29.99 33.52
C THR A 374 40.43 31.52 33.43
N CYS A 375 40.98 32.15 34.45
CA CYS A 375 40.45 33.39 34.89
C CYS A 375 41.57 34.14 35.61
N VAL A 376 42.04 35.27 35.03
CA VAL A 376 43.37 35.83 35.32
C VAL A 376 43.33 37.37 35.38
N VAL A 377 44.04 37.94 36.39
CA VAL A 377 44.11 39.39 36.69
C VAL A 377 45.33 40.00 35.96
N ALA A 378 45.06 41.02 35.14
CA ALA A 378 45.97 41.43 34.08
C ALA A 378 47.10 42.31 34.63
N GLY A 379 46.76 43.31 35.45
CA GLY A 379 47.63 44.47 35.69
C GLY A 379 48.89 44.16 36.49
N ASP A 380 49.41 45.18 37.17
CA ASP A 380 50.46 45.04 38.16
C ASP A 380 49.91 45.40 39.55
N VAL A 381 48.59 45.25 39.73
CA VAL A 381 47.85 45.87 40.86
C VAL A 381 47.98 45.01 42.13
N PRO A 382 47.57 45.53 43.31
CA PRO A 382 47.58 44.75 44.56
C PRO A 382 46.24 44.10 44.94
N PHE A 383 45.60 43.41 43.97
CA PHE A 383 44.33 42.68 44.18
C PHE A 383 44.40 41.29 43.55
N GLN A 384 43.88 40.29 44.28
CA GLN A 384 43.75 38.94 43.74
C GLN A 384 42.28 38.50 43.84
N LEU A 385 41.98 37.40 43.14
CA LEU A 385 40.74 36.67 43.24
C LEU A 385 40.94 35.52 44.25
N ARG A 386 40.00 35.37 45.20
CA ARG A 386 40.03 34.24 46.19
C ARG A 386 38.66 33.55 46.24
N GLN A 387 38.66 32.21 46.20
CA GLN A 387 37.42 31.41 46.28
C GLN A 387 36.54 31.96 47.40
N ALA A 388 35.25 32.19 47.10
CA ALA A 388 34.23 32.58 48.10
C ALA A 388 33.27 31.40 48.37
N SER A 389 32.86 30.75 47.26
CA SER A 389 32.14 29.47 47.21
C SER A 389 32.89 28.38 48.00
N GLU A 390 32.16 27.34 48.42
CA GLU A 390 32.68 26.19 49.19
C GLU A 390 32.49 24.88 48.38
N THR A 391 32.37 25.03 47.05
CA THR A 391 32.18 23.90 46.09
C THR A 391 32.93 24.22 44.78
N GLY A 392 33.04 23.20 43.91
CA GLY A 392 33.85 23.27 42.69
C GLY A 392 33.02 23.26 41.42
N SER A 393 31.93 24.03 41.39
CA SER A 393 31.09 24.22 40.17
C SER A 393 31.93 24.88 39.05
N ASP A 394 32.22 24.11 37.97
CA ASP A 394 33.35 24.32 36.98
C ASP A 394 33.17 25.56 36.08
N SER A 395 31.91 25.89 35.77
CA SER A 395 31.51 27.19 35.21
C SER A 395 31.39 28.21 36.36
N LYS A 396 30.40 28.03 37.27
CA LYS A 396 30.01 29.01 38.32
C LYS A 396 31.07 29.12 39.43
N LYS A 397 32.09 29.92 39.10
CA LYS A 397 33.13 30.35 40.00
C LYS A 397 32.62 31.61 40.73
N LYS A 398 32.74 31.64 42.05
CA LYS A 398 32.53 32.86 42.83
C LYS A 398 33.83 33.19 43.57
N TYR A 399 34.46 34.31 43.18
CA TYR A 399 35.66 34.75 43.85
C TYR A 399 35.45 36.16 44.43
N PHE A 400 36.17 36.43 45.53
CA PHE A 400 36.41 37.77 46.03
C PHE A 400 37.55 38.40 45.25
N LEU A 401 37.42 39.72 44.98
CA LEU A 401 38.50 40.57 44.50
C LEU A 401 39.06 41.33 45.70
N GLN A 402 40.05 40.72 46.37
CA GLN A 402 40.55 41.21 47.66
C GLN A 402 41.96 41.77 47.49
N THR A 403 42.37 42.53 48.51
CA THR A 403 43.63 43.27 48.52
C THR A 403 44.79 42.37 48.96
N THR A 404 45.99 42.74 48.47
CA THR A 404 47.31 42.09 48.67
C THR A 404 48.20 42.92 49.62
N THR A 405 48.29 44.22 49.32
CA THR A 405 49.10 45.20 50.05
C THR A 405 48.17 46.25 50.63
N PRO A 406 48.46 46.80 51.84
CA PRO A 406 47.79 48.02 52.31
C PRO A 406 48.13 49.21 51.39
N LEU A 407 47.45 50.35 51.57
CA LEU A 407 47.69 51.58 50.74
C LEU A 407 46.94 52.80 51.29
N ASP A 408 47.52 54.00 51.07
CA ASP A 408 47.05 55.29 51.64
C ASP A 408 46.64 56.25 50.51
N TYR A 409 45.89 57.31 50.87
CA TYR A 409 45.15 58.18 49.89
C TYR A 409 46.10 58.95 48.94
N GLU A 410 47.42 58.81 49.10
CA GLU A 410 48.37 59.64 48.34
C GLU A 410 48.76 59.00 46.99
N LYS A 411 48.67 57.67 46.85
CA LYS A 411 48.92 57.02 45.51
C LYS A 411 47.81 56.03 45.16
N VAL A 412 46.67 56.60 44.74
CA VAL A 412 45.32 55.96 44.62
C VAL A 412 44.43 56.75 43.63
N LYS A 413 43.18 56.30 43.49
CA LYS A 413 42.12 56.85 42.58
C LYS A 413 42.55 56.64 41.11
N ASP A 414 43.33 55.56 40.92
CA ASP A 414 43.93 55.16 39.66
C ASP A 414 44.12 53.65 39.79
N TYR A 415 43.00 52.96 39.95
CA TYR A 415 42.99 51.51 39.99
C TYR A 415 41.93 51.01 39.02
N THR A 416 42.36 50.81 37.77
CA THR A 416 41.67 50.07 36.71
C THR A 416 42.11 48.60 36.77
N ILE A 417 41.46 47.78 37.62
CA ILE A 417 41.68 46.32 37.71
C ILE A 417 40.92 45.66 36.55
N GLU A 418 41.63 44.94 35.67
CA GLU A 418 40.95 44.30 34.58
C GLU A 418 41.22 42.79 34.68
N ILE A 419 40.15 42.02 34.47
CA ILE A 419 40.14 40.59 34.56
C ILE A 419 39.98 40.04 33.15
N VAL A 420 40.58 38.88 32.92
CA VAL A 420 40.47 38.16 31.67
C VAL A 420 40.02 36.72 31.96
N ALA A 421 39.27 36.15 31.01
CA ALA A 421 38.78 34.80 31.16
C ALA A 421 38.85 34.09 29.81
N VAL A 422 39.23 32.81 29.85
CA VAL A 422 39.19 31.93 28.68
C VAL A 422 38.67 30.55 29.05
N ASP A 423 37.91 30.00 28.11
CA ASP A 423 37.38 28.66 28.20
C ASP A 423 38.41 27.69 27.62
N SER A 424 38.30 26.40 27.95
CA SER A 424 39.21 25.35 27.38
C SER A 424 38.68 24.78 26.05
N GLY A 425 37.98 25.60 25.25
CA GLY A 425 37.49 25.20 23.93
C GLY A 425 38.52 25.37 22.83
N ASN A 426 38.19 24.88 21.63
CA ASN A 426 39.12 24.76 20.51
C ASN A 426 38.37 25.06 19.22
N PRO A 427 38.42 26.29 18.69
CA PRO A 427 39.31 27.34 19.15
C PRO A 427 38.79 28.01 20.41
N PRO A 428 39.67 28.46 21.32
CA PRO A 428 39.24 28.98 22.62
C PRO A 428 38.65 30.37 22.46
N LEU A 429 37.80 30.78 23.41
CA LEU A 429 37.18 32.08 23.43
C LEU A 429 37.48 32.76 24.77
N SER A 430 37.51 34.10 24.72
CA SER A 430 38.06 34.92 25.78
C SER A 430 37.16 36.13 26.01
N SER A 431 37.19 36.63 27.24
CA SER A 431 36.50 37.87 27.54
C SER A 431 37.33 38.64 28.56
N THR A 432 37.17 39.97 28.56
CA THR A 432 37.88 40.86 29.47
C THR A 432 36.87 41.80 30.12
N ASN A 433 37.01 42.04 31.42
CA ASN A 433 36.11 43.00 32.11
C ASN A 433 36.82 43.60 33.34
N SER A 434 36.56 44.90 33.57
CA SER A 434 37.39 45.76 34.45
C SER A 434 36.55 46.40 35.57
N LEU A 435 37.24 47.09 36.48
CA LEU A 435 36.67 47.85 37.61
C LEU A 435 37.68 48.92 38.07
N LYS A 436 37.21 50.15 38.29
CA LYS A 436 38.01 51.24 38.90
C LYS A 436 37.69 51.35 40.40
N VAL A 437 38.73 51.41 41.25
CA VAL A 437 38.53 51.84 42.66
C VAL A 437 39.08 53.26 42.83
N GLN A 438 38.14 54.20 43.05
CA GLN A 438 38.45 55.54 43.54
C GLN A 438 38.74 55.42 45.04
N VAL A 439 39.33 56.48 45.61
CA VAL A 439 39.92 56.48 46.96
C VAL A 439 39.86 57.90 47.53
#